data_6CL0
#
_entry.id   6CL0
#
_cell.length_a   67.103
_cell.length_b   84.140
_cell.length_c   96.388
_cell.angle_alpha   90.00
_cell.angle_beta   90.00
_cell.angle_gamma   90.00
#
_symmetry.space_group_name_H-M   'I 2 2 2'
#
loop_
_entity.id
_entity.type
_entity.pdbx_description
1 polymer 'Caspase-3 subunit p17'
2 polymer 'Caspase-3 subunit p12'
3 polymer ACE-1MH-ASP-PF5-PHE-1U8
4 water water
#
loop_
_entity_poly.entity_id
_entity_poly.type
_entity_poly.pdbx_seq_one_letter_code
_entity_poly.pdbx_strand_id
1 'polypeptide(L)'
;MENTENSVDSKSIKNLEPKIIHGSESMDSGISLDNSYKMDYPEMGLCIIINNKNFHKSTGMTSRSGTDVDAANLRETFRN
LKYEVRNKNDLTREEIVELMRDVSKEDHSKRSSFVCVLLSHGEEGIIFGTNGPVDLKKITNFFRGDRCRSLTGKPKLFII
QACRGTELDCGIETD
;
A
2 'polypeptide(L)'
;SGVDDDMACHKIPVEADFLYAYSTAPGYYSWRNSKDGSWFIQSLCAMLKQYADKLEFMHILTRVNRKVATEFESFSFDAT
FHAKKQIPCIVSMLTKELYFYHLEHHHHHH
;
B
3 'polypeptide(L)' (ACE)(1MH)D(PF5)F(1U8) C
#
# COMPACT_ATOMS: atom_id res chain seq x y z
N SER A 29 -31.58 16.39 13.42
CA SER A 29 -30.93 17.18 12.37
C SER A 29 -31.50 16.86 10.97
N GLY A 30 -30.89 17.41 9.93
CA GLY A 30 -31.34 17.13 8.59
C GLY A 30 -30.92 15.76 8.12
N ILE A 31 -31.23 15.48 6.85
CA ILE A 31 -30.90 14.19 6.26
C ILE A 31 -29.41 13.88 6.40
N SER A 32 -29.07 12.63 6.73
CA SER A 32 -27.66 12.28 6.83
C SER A 32 -27.33 11.15 5.86
N LEU A 33 -26.11 11.17 5.34
CA LEU A 33 -25.63 10.08 4.50
C LEU A 33 -24.39 9.50 5.14
N ASP A 34 -24.12 8.24 4.79
CA ASP A 34 -23.03 7.50 5.43
C ASP A 34 -22.11 6.90 4.38
N ASN A 35 -21.68 7.71 3.42
CA ASN A 35 -21.02 7.17 2.24
C ASN A 35 -19.51 7.31 2.32
N SER A 36 -18.97 8.04 3.29
CA SER A 36 -17.54 8.29 3.40
CA SER A 36 -17.53 8.24 3.39
C SER A 36 -17.02 7.94 4.79
N TYR A 37 -15.82 7.43 4.88
CA TYR A 37 -15.29 7.12 6.17
C TYR A 37 -15.07 8.40 7.03
N LYS A 38 -15.34 8.28 8.32
CA LYS A 38 -15.04 9.39 9.24
C LYS A 38 -13.52 9.57 9.32
N MET A 39 -13.02 10.72 8.87
CA MET A 39 -11.58 10.97 8.83
C MET A 39 -11.22 12.16 9.70
N ASP A 40 -12.06 12.49 10.67
CA ASP A 40 -11.82 13.63 11.56
C ASP A 40 -11.67 13.20 13.01
N TYR A 41 -11.22 11.97 13.24
CA TYR A 41 -10.71 11.61 14.57
C TYR A 41 -9.54 12.55 14.89
N PRO A 42 -9.09 12.56 16.15
CA PRO A 42 -7.99 13.44 16.55
C PRO A 42 -6.73 13.23 15.76
N GLU A 43 -6.48 12.00 15.29
CA GLU A 43 -5.27 11.69 14.55
C GLU A 43 -5.70 11.00 13.26
N MET A 44 -4.98 11.28 12.16
CA MET A 44 -5.20 10.52 10.93
C MET A 44 -4.80 9.07 11.11
N GLY A 45 -3.74 8.81 11.91
CA GLY A 45 -3.29 7.42 12.10
C GLY A 45 -1.81 7.25 11.81
N LEU A 46 -1.37 6.01 11.93
CA LEU A 46 0.02 5.70 11.65
C LEU A 46 0.23 5.49 10.16
N CYS A 47 1.46 5.78 9.71
CA CYS A 47 1.94 5.38 8.38
C CYS A 47 3.25 4.66 8.64
N ILE A 48 3.24 3.33 8.58
CA ILE A 48 4.46 2.55 8.86
C ILE A 48 5.11 2.29 7.51
N ILE A 49 6.39 2.64 7.36
CA ILE A 49 7.07 2.41 6.10
C ILE A 49 8.18 1.43 6.39
N ILE A 50 8.15 0.25 5.76
CA ILE A 50 9.22 -0.72 5.90
C ILE A 50 10.05 -0.62 4.62
N ASN A 51 11.28 -0.14 4.75
CA ASN A 51 12.14 0.16 3.61
C ASN A 51 13.31 -0.83 3.63
N ASN A 52 13.19 -1.91 2.83
CA ASN A 52 14.22 -2.94 2.81
C ASN A 52 15.10 -2.69 1.62
N LYS A 53 16.31 -2.23 1.90
CA LYS A 53 17.26 -1.92 0.84
C LYS A 53 18.39 -2.94 0.76
N ASN A 54 18.98 -3.31 1.89
CA ASN A 54 20.14 -4.22 1.97
C ASN A 54 19.70 -5.54 2.55
N PHE A 55 20.06 -6.62 1.88
CA PHE A 55 19.61 -7.96 2.26
C PHE A 55 20.83 -8.74 2.74
N HIS A 56 20.59 -9.71 3.62
CA HIS A 56 21.72 -10.47 4.12
C HIS A 56 22.44 -11.19 2.99
N LYS A 57 23.79 -11.25 3.09
CA LYS A 57 24.60 -11.84 2.03
C LYS A 57 24.14 -13.24 1.73
N SER A 58 23.74 -13.96 2.78
N SER A 58 23.76 -14.01 2.76
CA SER A 58 23.33 -15.35 2.73
CA SER A 58 23.42 -15.42 2.51
C SER A 58 22.18 -15.58 1.75
C SER A 58 22.19 -15.58 1.64
N THR A 59 21.35 -14.55 1.51
CA THR A 59 20.19 -14.68 0.64
C THR A 59 20.51 -14.46 -0.82
N GLY A 60 21.62 -13.82 -1.13
CA GLY A 60 21.87 -13.52 -2.52
C GLY A 60 21.01 -12.44 -3.14
N MET A 61 20.22 -11.70 -2.35
CA MET A 61 19.34 -10.67 -2.90
C MET A 61 20.09 -9.34 -3.04
N THR A 62 19.99 -8.72 -4.23
CA THR A 62 20.72 -7.50 -4.51
C THR A 62 20.10 -6.31 -3.79
N SER A 63 20.94 -5.35 -3.44
CA SER A 63 20.45 -4.14 -2.80
CA SER A 63 20.45 -4.14 -2.80
C SER A 63 19.56 -3.32 -3.72
N ARG A 64 18.51 -2.76 -3.18
CA ARG A 64 17.52 -2.04 -3.94
C ARG A 64 17.76 -0.57 -4.11
N SER A 65 18.71 -0.27 -4.96
CA SER A 65 19.08 1.11 -5.24
C SER A 65 17.87 1.93 -5.60
N GLY A 66 17.75 3.10 -5.01
CA GLY A 66 16.64 3.99 -5.27
C GLY A 66 15.56 3.89 -4.21
N THR A 67 15.58 2.87 -3.35
CA THR A 67 14.46 2.74 -2.41
C THR A 67 14.47 3.84 -1.37
N ASP A 68 15.64 4.40 -1.06
CA ASP A 68 15.62 5.46 -0.05
C ASP A 68 14.91 6.70 -0.55
N VAL A 69 14.99 6.94 -1.87
CA VAL A 69 14.24 8.05 -2.47
C VAL A 69 12.76 7.81 -2.23
N ASP A 70 12.30 6.58 -2.47
CA ASP A 70 10.88 6.27 -2.23
C ASP A 70 10.53 6.49 -0.76
N ALA A 71 11.35 5.98 0.16
CA ALA A 71 10.99 6.05 1.57
C ALA A 71 10.91 7.52 2.01
N ALA A 72 11.82 8.35 1.50
CA ALA A 72 11.82 9.78 1.84
C ALA A 72 10.63 10.47 1.23
N ASN A 73 10.29 10.12 -0.04
CA ASN A 73 9.15 10.75 -0.69
C ASN A 73 7.86 10.42 0.06
N LEU A 74 7.72 9.14 0.44
CA LEU A 74 6.54 8.71 1.21
C LEU A 74 6.47 9.41 2.56
N ARG A 75 7.57 9.54 3.24
CA ARG A 75 7.54 10.19 4.52
C ARG A 75 7.04 11.63 4.38
N GLU A 76 7.60 12.35 3.41
CA GLU A 76 7.13 13.71 3.20
C GLU A 76 5.65 13.76 2.82
N THR A 77 5.24 12.92 1.86
CA THR A 77 3.88 12.93 1.38
C THR A 77 2.88 12.65 2.50
N PHE A 78 3.16 11.60 3.32
CA PHE A 78 2.23 11.30 4.40
C PHE A 78 2.33 12.25 5.56
N ARG A 79 3.47 12.88 5.77
CA ARG A 79 3.55 13.96 6.78
C ARG A 79 2.58 15.09 6.42
N ASN A 80 2.50 15.43 5.13
CA ASN A 80 1.62 16.54 4.75
C ASN A 80 0.17 16.13 4.79
N LEU A 81 -0.14 14.82 4.85
CA LEU A 81 -1.51 14.34 5.08
C LEU A 81 -1.79 14.15 6.56
N LYS A 82 -0.81 14.47 7.43
CA LYS A 82 -0.95 14.47 8.88
C LYS A 82 -0.94 13.06 9.45
N TYR A 83 -0.25 12.15 8.78
CA TYR A 83 -0.01 10.83 9.36
C TYR A 83 1.21 10.86 10.26
N GLU A 84 1.17 10.02 11.29
CA GLU A 84 2.35 9.79 12.16
C GLU A 84 3.22 8.76 11.45
N VAL A 85 4.23 9.19 10.76
CA VAL A 85 5.06 8.31 9.96
C VAL A 85 6.20 7.70 10.77
N ARG A 86 6.32 6.39 10.71
CA ARG A 86 7.38 5.67 11.35
C ARG A 86 8.14 4.91 10.25
N ASN A 87 9.35 5.22 10.05
N ASN A 87 9.36 5.19 10.08
CA ASN A 87 10.17 4.57 9.07
CA ASN A 87 10.16 4.50 9.14
C ASN A 87 11.10 3.50 9.73
C ASN A 87 11.08 3.47 9.77
N LYS A 88 11.04 2.36 9.15
CA LYS A 88 11.90 1.24 9.53
C LYS A 88 12.76 0.71 8.39
N ASN A 89 14.04 0.58 8.58
CA ASN A 89 14.88 0.12 7.53
C ASN A 89 15.48 -1.26 7.71
N ASP A 90 15.51 -2.05 6.65
CA ASP A 90 16.28 -3.30 6.63
C ASP A 90 15.85 -4.25 7.78
N LEU A 91 14.59 -4.64 7.77
CA LEU A 91 14.07 -5.52 8.81
C LEU A 91 14.10 -6.97 8.32
N THR A 92 14.50 -7.88 9.22
CA THR A 92 14.41 -9.32 8.98
C THR A 92 12.94 -9.75 8.97
N ARG A 93 12.70 -10.95 8.46
CA ARG A 93 11.33 -11.49 8.46
C ARG A 93 10.76 -11.54 9.87
N GLU A 94 11.59 -11.87 10.87
CA GLU A 94 11.08 -11.88 12.24
C GLU A 94 10.73 -10.48 12.72
N GLU A 95 11.56 -9.49 12.39
CA GLU A 95 11.27 -8.11 12.79
C GLU A 95 10.02 -7.58 12.12
N ILE A 96 9.80 -7.94 10.83
CA ILE A 96 8.57 -7.45 10.19
C ILE A 96 7.35 -7.97 10.94
N VAL A 97 7.35 -9.27 11.29
CA VAL A 97 6.19 -9.85 11.95
C VAL A 97 6.02 -9.22 13.32
N GLU A 98 7.11 -9.06 14.06
CA GLU A 98 7.00 -8.48 15.40
C GLU A 98 6.51 -7.04 15.34
N LEU A 99 6.98 -6.27 14.36
CA LEU A 99 6.55 -4.88 14.24
C LEU A 99 5.06 -4.82 13.95
N MET A 100 4.59 -5.62 13.00
CA MET A 100 3.17 -5.62 12.67
C MET A 100 2.34 -6.06 13.85
N ARG A 101 2.74 -7.09 14.55
CA ARG A 101 1.99 -7.53 15.69
C ARG A 101 1.92 -6.42 16.72
N ASP A 102 3.05 -5.81 17.03
CA ASP A 102 3.06 -4.78 18.06
C ASP A 102 2.18 -3.58 17.66
N VAL A 103 2.30 -3.14 16.41
CA VAL A 103 1.47 -2.01 15.94
C VAL A 103 -0.02 -2.37 16.03
N SER A 104 -0.36 -3.63 15.68
CA SER A 104 -1.78 -4.05 15.70
C SER A 104 -2.33 -4.11 17.11
N LYS A 105 -1.44 -4.17 18.11
CA LYS A 105 -1.84 -4.21 19.51
C LYS A 105 -1.87 -2.84 20.18
N GLU A 106 -1.49 -1.77 19.46
CA GLU A 106 -1.67 -0.41 19.99
C GLU A 106 -3.15 -0.05 20.03
N ASP A 107 -3.47 0.99 20.79
CA ASP A 107 -4.83 1.51 20.86
C ASP A 107 -4.95 2.56 19.75
N HIS A 108 -5.62 2.20 18.67
CA HIS A 108 -5.90 3.12 17.56
C HIS A 108 -7.25 3.81 17.70
N SER A 109 -7.85 3.84 18.89
CA SER A 109 -9.20 4.39 19.01
CA SER A 109 -9.19 4.40 19.05
C SER A 109 -9.30 5.83 18.53
N LYS A 110 -8.28 6.64 18.75
CA LYS A 110 -8.30 8.06 18.36
C LYS A 110 -7.73 8.32 16.97
N ARG A 111 -7.46 7.26 16.20
CA ARG A 111 -6.92 7.35 14.86
C ARG A 111 -7.96 7.00 13.80
N SER A 112 -7.96 7.76 12.68
CA SER A 112 -8.97 7.56 11.64
C SER A 112 -8.71 6.34 10.77
N SER A 113 -7.45 5.93 10.65
CA SER A 113 -7.08 5.03 9.60
C SER A 113 -5.71 4.46 9.95
N PHE A 114 -5.27 3.53 9.11
CA PHE A 114 -3.94 2.92 9.27
C PHE A 114 -3.35 2.76 7.88
N VAL A 115 -2.05 3.08 7.74
CA VAL A 115 -1.34 2.88 6.48
C VAL A 115 -0.05 2.11 6.73
N CYS A 116 0.24 1.13 5.86
CA CYS A 116 1.51 0.43 5.91
C CYS A 116 2.05 0.43 4.48
N VAL A 117 3.30 0.82 4.32
CA VAL A 117 3.95 0.77 3.01
C VAL A 117 5.10 -0.23 3.12
N LEU A 118 5.16 -1.17 2.18
CA LEU A 118 6.19 -2.20 2.12
C LEU A 118 6.99 -1.93 0.87
N LEU A 119 8.31 -1.74 1.03
CA LEU A 119 9.25 -1.53 -0.07
C LEU A 119 10.28 -2.66 0.02
N SER A 120 10.19 -3.62 -0.92
CA SER A 120 11.14 -4.75 -0.86
C SER A 120 11.13 -5.55 -2.16
N HIS A 121 11.95 -6.59 -2.19
CA HIS A 121 11.74 -7.63 -3.18
C HIS A 121 10.48 -8.39 -2.79
N GLY A 122 9.86 -9.04 -3.78
CA GLY A 122 8.65 -9.78 -3.47
C GLY A 122 8.33 -10.77 -4.57
N GLU A 123 7.29 -11.59 -4.31
CA GLU A 123 6.72 -12.51 -5.28
C GLU A 123 5.22 -12.44 -5.05
N GLU A 124 4.44 -13.14 -5.86
CA GLU A 124 3.00 -13.06 -5.61
C GLU A 124 2.68 -13.51 -4.16
N GLY A 125 2.02 -12.63 -3.43
CA GLY A 125 1.63 -12.92 -2.08
C GLY A 125 2.71 -12.81 -1.02
N ILE A 126 3.93 -12.38 -1.37
CA ILE A 126 5.09 -12.45 -0.49
C ILE A 126 5.89 -11.16 -0.58
N ILE A 127 6.39 -10.70 0.57
CA ILE A 127 7.33 -9.60 0.65
C ILE A 127 8.58 -10.12 1.37
N PHE A 128 9.75 -9.62 0.97
CA PHE A 128 10.96 -10.17 1.57
C PHE A 128 11.45 -9.34 2.76
N GLY A 129 11.68 -10.02 3.89
CA GLY A 129 12.56 -9.50 4.90
C GLY A 129 13.99 -9.58 4.37
N THR A 130 14.91 -9.05 5.16
CA THR A 130 16.30 -9.06 4.74
C THR A 130 16.91 -10.48 4.77
N ASN A 131 16.23 -11.45 5.42
CA ASN A 131 16.74 -12.81 5.61
C ASN A 131 15.69 -13.84 5.19
N GLY A 132 14.73 -13.42 4.35
CA GLY A 132 13.77 -14.36 3.77
C GLY A 132 12.38 -13.82 3.79
N PRO A 133 11.45 -14.60 3.29
CA PRO A 133 10.11 -14.10 2.97
C PRO A 133 9.13 -14.04 4.13
N VAL A 134 8.14 -13.16 3.97
CA VAL A 134 6.97 -13.06 4.82
C VAL A 134 5.73 -13.11 3.91
N ASP A 135 4.78 -13.98 4.25
CA ASP A 135 3.50 -14.00 3.54
C ASP A 135 2.75 -12.73 3.85
N LEU A 136 2.25 -12.04 2.82
CA LEU A 136 1.48 -10.82 3.06
C LEU A 136 0.23 -11.08 3.90
N LYS A 137 -0.40 -12.27 3.79
CA LYS A 137 -1.55 -12.55 4.64
C LYS A 137 -1.18 -12.53 6.11
N LYS A 138 0.01 -13.02 6.47
CA LYS A 138 0.42 -12.97 7.86
C LYS A 138 0.46 -11.53 8.39
N ILE A 139 0.99 -10.61 7.60
CA ILE A 139 1.04 -9.20 7.98
C ILE A 139 -0.36 -8.60 8.10
N THR A 140 -1.20 -8.79 7.07
CA THR A 140 -2.48 -8.10 7.06
C THR A 140 -3.47 -8.73 8.05
N ASN A 141 -3.28 -10.02 8.36
CA ASN A 141 -4.22 -10.67 9.28
C ASN A 141 -4.18 -10.04 10.67
N PHE A 142 -3.06 -9.41 11.07
CA PHE A 142 -3.03 -8.78 12.40
C PHE A 142 -4.08 -7.67 12.50
N PHE A 143 -4.48 -7.10 11.36
CA PHE A 143 -5.35 -5.94 11.31
C PHE A 143 -6.78 -6.31 10.94
N ARG A 144 -7.09 -7.61 10.79
CA ARG A 144 -8.46 -8.05 10.57
C ARG A 144 -9.40 -7.37 11.56
N GLY A 145 -10.67 -7.20 11.09
CA GLY A 145 -11.65 -6.55 11.94
C GLY A 145 -11.86 -7.20 13.29
N ASP A 146 -11.65 -8.53 13.40
CA ASP A 146 -11.78 -9.19 14.69
C ASP A 146 -10.51 -9.17 15.54
N ARG A 147 -9.33 -8.83 14.95
CA ARG A 147 -8.06 -8.97 15.66
C ARG A 147 -7.49 -7.61 16.04
N CYS A 148 -7.97 -6.54 15.43
CA CYS A 148 -7.51 -5.18 15.80
C CYS A 148 -8.80 -4.36 15.97
N ARG A 149 -9.37 -4.42 17.16
CA ARG A 149 -10.71 -3.89 17.39
C ARG A 149 -10.75 -2.38 17.18
N SER A 150 -9.66 -1.70 17.55
CA SER A 150 -9.64 -0.27 17.45
C SER A 150 -9.50 0.27 16.03
N LEU A 151 -9.36 -0.62 15.06
CA LEU A 151 -9.37 -0.29 13.66
C LEU A 151 -10.61 -0.90 12.98
N THR A 152 -11.48 -1.65 13.69
CA THR A 152 -12.68 -2.15 13.03
C THR A 152 -13.48 -0.98 12.47
N GLY A 153 -13.91 -1.10 11.24
CA GLY A 153 -14.71 -0.05 10.60
C GLY A 153 -13.89 1.10 10.01
N LYS A 154 -12.58 1.06 10.12
CA LYS A 154 -11.69 2.11 9.68
C LYS A 154 -10.84 1.61 8.55
N PRO A 155 -10.48 2.46 7.58
CA PRO A 155 -9.71 1.98 6.44
C PRO A 155 -8.28 1.62 6.83
N LYS A 156 -7.85 0.49 6.30
CA LYS A 156 -6.53 -0.08 6.52
C LYS A 156 -5.90 -0.22 5.14
N LEU A 157 -4.87 0.58 4.89
CA LEU A 157 -4.30 0.72 3.56
C LEU A 157 -2.88 0.16 3.50
N PHE A 158 -2.68 -0.83 2.64
CA PHE A 158 -1.38 -1.48 2.47
C PHE A 158 -0.88 -1.14 1.08
N ILE A 159 0.28 -0.48 1.01
CA ILE A 159 0.82 0.00 -0.24
C ILE A 159 2.07 -0.81 -0.47
N ILE A 160 2.14 -1.51 -1.61
CA ILE A 160 3.15 -2.60 -1.76
C ILE A 160 3.93 -2.37 -3.03
N GLN A 161 5.21 -1.95 -2.86
CA GLN A 161 6.17 -1.88 -3.97
C GLN A 161 7.04 -3.11 -3.88
N ALA A 162 6.78 -4.08 -4.76
CA ALA A 162 7.45 -5.36 -4.82
C ALA A 162 6.94 -6.07 -6.05
N CYS A 163 7.78 -6.98 -6.59
CA CYS A 163 7.28 -7.79 -7.71
C CYS A 163 6.19 -8.75 -7.26
N ARG A 164 5.37 -9.18 -8.22
CA ARG A 164 4.33 -10.19 -7.92
C ARG A 164 4.49 -11.39 -8.84
N GLY A 165 5.71 -11.62 -9.32
CA GLY A 165 6.03 -12.68 -10.25
C GLY A 165 7.03 -12.18 -11.28
N THR A 166 7.11 -12.93 -12.39
CA THR A 166 8.16 -12.73 -13.39
C THR A 166 7.62 -12.48 -14.80
N GLU A 167 6.34 -12.12 -14.96
N GLU A 167 6.35 -12.11 -14.95
CA GLU A 167 5.84 -11.76 -16.27
CA GLU A 167 5.84 -11.76 -16.26
C GLU A 167 6.27 -10.34 -16.62
C GLU A 167 6.25 -10.34 -16.63
N LEU A 168 6.49 -10.16 -17.92
CA LEU A 168 6.91 -8.88 -18.48
C LEU A 168 5.79 -8.39 -19.39
N ASP A 169 5.47 -7.10 -19.26
CA ASP A 169 4.43 -6.46 -20.09
C ASP A 169 5.15 -5.76 -21.23
N CYS A 170 4.98 -6.26 -22.45
CA CYS A 170 5.67 -5.64 -23.58
CA CYS A 170 5.63 -5.68 -23.62
C CYS A 170 4.95 -4.40 -24.08
N GLY A 171 3.75 -4.14 -23.59
CA GLY A 171 3.05 -2.94 -24.03
C GLY A 171 2.47 -3.03 -25.42
N ILE A 172 1.69 -2.01 -25.80
CA ILE A 172 1.17 -1.88 -27.15
C ILE A 172 1.20 -0.41 -27.52
N GLU A 173 1.66 -0.11 -28.74
CA GLU A 173 1.72 1.27 -29.22
C GLU A 173 0.30 1.80 -29.33
N THR A 174 0.09 3.04 -28.90
CA THR A 174 -1.25 3.64 -28.99
C THR A 174 -1.32 4.60 -30.17
N SER B 1 -39.88 -13.30 4.07
CA SER B 1 -38.59 -12.58 3.91
C SER B 1 -37.45 -13.37 3.20
N GLY B 2 -36.23 -13.39 3.77
CA GLY B 2 -35.22 -14.39 3.46
C GLY B 2 -34.29 -14.70 4.62
N VAL B 3 -33.60 -15.84 4.52
CA VAL B 3 -32.78 -16.32 5.64
C VAL B 3 -31.45 -15.61 5.79
N ASP B 4 -30.98 -14.89 4.77
CA ASP B 4 -29.60 -14.44 4.86
C ASP B 4 -29.45 -12.92 4.79
N ASP B 5 -30.52 -12.17 5.11
CA ASP B 5 -30.44 -10.71 5.16
C ASP B 5 -31.33 -10.23 6.31
N ASP B 6 -31.09 -9.00 6.75
CA ASP B 6 -31.79 -8.41 7.91
C ASP B 6 -31.49 -9.13 9.23
N MET B 7 -30.20 -9.20 9.55
N MET B 7 -30.21 -9.25 9.56
CA MET B 7 -29.75 -9.88 10.77
CA MET B 7 -29.80 -9.98 10.75
C MET B 7 -30.07 -9.03 11.99
C MET B 7 -29.92 -9.10 12.00
N ALA B 8 -30.43 -9.68 13.09
CA ALA B 8 -30.67 -8.91 14.32
C ALA B 8 -29.37 -8.34 14.88
N CYS B 9 -28.26 -9.08 14.77
CA CYS B 9 -26.97 -8.65 15.29
C CYS B 9 -26.06 -8.35 14.10
N HIS B 10 -25.61 -7.11 14.00
CA HIS B 10 -24.89 -6.67 12.81
C HIS B 10 -23.41 -7.02 12.91
N LYS B 11 -22.92 -7.71 11.91
CA LYS B 11 -21.50 -7.98 11.79
C LYS B 11 -21.02 -7.41 10.47
N ILE B 12 -19.71 -7.19 10.39
CA ILE B 12 -19.04 -6.94 9.13
C ILE B 12 -17.98 -8.01 8.91
N PRO B 13 -17.63 -8.27 7.68
CA PRO B 13 -16.55 -9.21 7.40
C PRO B 13 -15.26 -8.77 8.05
N VAL B 14 -14.48 -9.77 8.50
CA VAL B 14 -13.18 -9.44 9.06
C VAL B 14 -12.19 -8.93 8.02
N GLU B 15 -12.43 -9.21 6.72
CA GLU B 15 -11.61 -8.73 5.61
C GLU B 15 -12.09 -7.40 5.06
N ALA B 16 -13.20 -6.85 5.59
CA ALA B 16 -13.67 -5.56 5.07
C ALA B 16 -12.76 -4.43 5.54
N ASP B 17 -12.81 -3.36 4.76
CA ASP B 17 -12.15 -2.07 5.06
C ASP B 17 -10.64 -2.15 4.87
N PHE B 18 -10.19 -3.01 4.00
CA PHE B 18 -8.80 -3.05 3.59
C PHE B 18 -8.70 -2.57 2.13
N LEU B 19 -7.61 -1.89 1.86
CA LEU B 19 -7.26 -1.46 0.53
C LEU B 19 -5.79 -1.85 0.29
N TYR B 20 -5.54 -2.54 -0.83
CA TYR B 20 -4.16 -2.98 -1.19
C TYR B 20 -3.85 -2.24 -2.47
N ALA B 21 -2.90 -1.30 -2.40
CA ALA B 21 -2.49 -0.52 -3.56
C ALA B 21 -1.20 -1.21 -4.02
N TYR B 22 -1.34 -2.19 -4.93
CA TYR B 22 -0.15 -2.91 -5.45
C TYR B 22 0.47 -2.11 -6.57
N SER B 23 1.81 -2.15 -6.60
CA SER B 23 2.51 -1.44 -7.64
C SER B 23 2.36 -2.07 -9.03
N THR B 24 1.95 -3.34 -9.10
CA THR B 24 1.92 -4.02 -10.40
C THR B 24 0.81 -5.04 -10.40
N ALA B 25 0.48 -5.49 -11.62
CA ALA B 25 -0.56 -6.48 -11.80
C ALA B 25 -0.12 -7.85 -11.24
N PRO B 26 -1.06 -8.71 -10.90
CA PRO B 26 -0.69 -10.06 -10.43
C PRO B 26 0.16 -10.76 -11.47
N GLY B 27 1.24 -11.40 -10.97
CA GLY B 27 2.11 -12.19 -11.82
C GLY B 27 3.28 -11.41 -12.42
N TYR B 28 3.33 -10.06 -12.28
CA TYR B 28 4.26 -9.25 -13.05
C TYR B 28 5.41 -8.71 -12.20
N TYR B 29 6.52 -8.43 -12.89
CA TYR B 29 7.58 -7.66 -12.26
C TYR B 29 7.09 -6.25 -11.95
N SER B 30 7.81 -5.58 -11.04
CA SER B 30 7.57 -4.19 -10.68
C SER B 30 8.89 -3.45 -10.76
N TRP B 31 8.88 -2.30 -11.42
CA TRP B 31 10.10 -1.60 -11.86
C TRP B 31 10.52 -0.48 -10.93
N ARG B 32 11.82 -0.33 -10.82
CA ARG B 32 12.43 0.66 -9.96
C ARG B 32 13.64 1.31 -10.63
N ASN B 33 13.72 2.63 -10.57
CA ASN B 33 14.86 3.36 -11.09
C ASN B 33 15.85 3.65 -9.97
N SER B 34 17.16 3.37 -10.22
CA SER B 34 18.11 3.46 -9.11
C SER B 34 18.29 4.90 -8.59
N LYS B 35 17.95 5.91 -9.40
CA LYS B 35 18.14 7.30 -9.00
C LYS B 35 16.85 7.92 -8.49
N ASP B 36 15.71 7.62 -9.18
CA ASP B 36 14.44 8.32 -8.93
C ASP B 36 13.48 7.53 -8.05
N GLY B 37 13.77 6.26 -7.80
CA GLY B 37 12.84 5.43 -7.05
C GLY B 37 11.98 4.58 -7.96
N SER B 38 11.01 3.92 -7.32
CA SER B 38 10.14 3.04 -8.09
C SER B 38 9.13 3.86 -8.87
N TRP B 39 8.72 3.35 -10.03
CA TRP B 39 7.74 4.09 -10.83
C TRP B 39 6.47 4.31 -10.06
N PHE B 40 6.03 3.26 -9.35
CA PHE B 40 4.77 3.35 -8.63
C PHE B 40 4.86 4.33 -7.48
N ILE B 41 5.89 4.24 -6.63
CA ILE B 41 5.93 5.18 -5.50
C ILE B 41 6.14 6.63 -5.97
N GLN B 42 7.01 6.86 -6.98
CA GLN B 42 7.13 8.21 -7.54
C GLN B 42 5.75 8.74 -7.89
N SER B 43 4.99 7.94 -8.61
CA SER B 43 3.71 8.41 -9.13
C SER B 43 2.68 8.56 -8.03
N LEU B 44 2.65 7.63 -7.07
CA LEU B 44 1.69 7.71 -5.96
C LEU B 44 1.92 8.98 -5.15
N CYS B 45 3.18 9.28 -4.81
CA CYS B 45 3.48 10.50 -4.06
C CYS B 45 3.07 11.72 -4.86
N ALA B 46 3.38 11.73 -6.17
CA ALA B 46 3.04 12.93 -6.96
C ALA B 46 1.52 13.15 -6.99
N MET B 47 0.76 12.07 -7.14
CA MET B 47 -0.70 12.24 -7.22
C MET B 47 -1.31 12.59 -5.87
N LEU B 48 -0.79 12.02 -4.77
CA LEU B 48 -1.30 12.42 -3.46
C LEU B 48 -0.98 13.89 -3.19
N LYS B 49 0.25 14.34 -3.53
CA LYS B 49 0.58 15.76 -3.32
C LYS B 49 -0.34 16.68 -4.13
N GLN B 50 -0.72 16.25 -5.32
CA GLN B 50 -1.56 17.13 -6.14
C GLN B 50 -3.04 17.04 -5.84
N TYR B 51 -3.53 15.86 -5.44
CA TYR B 51 -4.98 15.64 -5.40
C TYR B 51 -5.54 15.21 -4.05
N ALA B 52 -4.74 15.05 -3.00
CA ALA B 52 -5.34 14.56 -1.75
C ALA B 52 -6.29 15.57 -1.11
N ASP B 53 -6.18 16.86 -1.40
CA ASP B 53 -7.17 17.80 -0.87
C ASP B 53 -8.35 17.99 -1.81
N LYS B 54 -8.53 17.11 -2.83
CA LYS B 54 -9.46 17.37 -3.94
C LYS B 54 -10.25 16.15 -4.40
N LEU B 55 -9.66 14.96 -4.37
CA LEU B 55 -10.25 13.78 -4.97
C LEU B 55 -10.35 12.63 -3.97
N GLU B 56 -11.38 11.79 -4.18
CA GLU B 56 -11.51 10.56 -3.41
C GLU B 56 -10.36 9.59 -3.73
N PHE B 57 -9.96 8.80 -2.73
CA PHE B 57 -8.71 8.02 -2.89
C PHE B 57 -8.72 7.09 -4.12
N MET B 58 -9.83 6.41 -4.41
CA MET B 58 -9.80 5.55 -5.60
C MET B 58 -9.53 6.34 -6.87
N HIS B 59 -10.02 7.58 -6.91
CA HIS B 59 -9.78 8.43 -8.08
C HIS B 59 -8.33 8.92 -8.10
N ILE B 60 -7.70 9.10 -6.92
CA ILE B 60 -6.27 9.42 -6.92
C ILE B 60 -5.51 8.22 -7.44
N LEU B 61 -5.83 7.02 -6.95
CA LEU B 61 -5.06 5.85 -7.37
C LEU B 61 -5.27 5.56 -8.86
N THR B 62 -6.44 5.95 -9.43
CA THR B 62 -6.65 5.76 -10.86
C THR B 62 -5.73 6.69 -11.65
N ARG B 63 -5.52 7.93 -11.18
CA ARG B 63 -4.50 8.78 -11.80
C ARG B 63 -3.11 8.17 -11.66
N VAL B 64 -2.81 7.50 -10.52
CA VAL B 64 -1.51 6.82 -10.39
C VAL B 64 -1.40 5.73 -11.44
N ASN B 65 -2.47 4.94 -11.62
CA ASN B 65 -2.44 3.93 -12.70
C ASN B 65 -2.12 4.56 -14.05
N ARG B 66 -2.78 5.68 -14.40
N ARG B 66 -2.77 5.67 -14.40
CA ARG B 66 -2.55 6.28 -15.71
CA ARG B 66 -2.52 6.25 -15.70
C ARG B 66 -1.12 6.80 -15.82
C ARG B 66 -1.09 6.77 -15.81
N LYS B 67 -0.58 7.38 -14.74
CA LYS B 67 0.77 7.96 -14.81
C LYS B 67 1.82 6.86 -15.02
N VAL B 68 1.69 5.76 -14.26
CA VAL B 68 2.63 4.66 -14.40
C VAL B 68 2.51 4.05 -15.77
N ALA B 69 1.28 3.85 -16.24
CA ALA B 69 1.06 3.19 -17.51
C ALA B 69 1.58 4.00 -18.67
N THR B 70 1.44 5.33 -18.61
CA THR B 70 1.71 6.12 -19.80
C THR B 70 3.09 6.72 -19.78
N GLU B 71 3.64 7.01 -18.59
CA GLU B 71 4.86 7.84 -18.57
C GLU B 71 6.15 7.07 -18.38
N PHE B 72 6.10 5.79 -18.13
CA PHE B 72 7.31 5.03 -17.85
C PHE B 72 7.44 3.85 -18.80
N GLU B 73 8.69 3.57 -19.16
CA GLU B 73 9.01 2.38 -19.94
C GLU B 73 10.44 2.02 -19.60
N SER B 74 10.71 0.73 -19.45
CA SER B 74 12.04 0.37 -18.97
C SER B 74 13.10 0.55 -20.04
N PHE B 75 14.30 0.79 -19.56
CA PHE B 75 15.49 0.90 -20.40
C PHE B 75 16.48 -0.10 -19.85
N SER B 76 16.93 -1.03 -20.70
CA SER B 76 17.88 -2.04 -20.21
C SER B 76 18.85 -2.36 -21.30
N PHE B 77 20.13 -2.59 -20.93
CA PHE B 77 21.05 -3.14 -21.92
C PHE B 77 20.73 -4.60 -22.28
N ASP B 78 19.92 -5.27 -21.46
CA ASP B 78 19.52 -6.66 -21.68
C ASP B 78 18.18 -6.61 -22.45
N ALA B 79 18.23 -7.07 -23.71
CA ALA B 79 17.02 -7.00 -24.51
C ALA B 79 15.83 -7.67 -23.85
N THR B 80 16.05 -8.71 -23.01
CA THR B 80 14.95 -9.38 -22.31
C THR B 80 14.13 -8.41 -21.47
N PHE B 81 14.77 -7.35 -20.94
CA PHE B 81 14.13 -6.50 -19.95
C PHE B 81 13.92 -5.10 -20.47
N HIS B 82 14.15 -4.88 -21.75
CA HIS B 82 14.12 -3.53 -22.31
C HIS B 82 12.73 -3.23 -22.86
N ALA B 83 12.33 -1.96 -22.76
CA ALA B 83 11.10 -1.47 -23.39
C ALA B 83 9.82 -2.07 -22.78
N LYS B 84 9.86 -2.35 -21.49
CA LYS B 84 8.74 -3.00 -20.80
C LYS B 84 7.90 -1.97 -20.04
N LYS B 85 6.66 -2.36 -19.81
CA LYS B 85 5.66 -1.45 -19.26
C LYS B 85 5.11 -1.99 -17.95
N GLN B 86 4.29 -1.17 -17.27
CA GLN B 86 3.76 -1.61 -15.98
C GLN B 86 2.42 -0.95 -15.74
N ILE B 87 1.50 -1.72 -15.17
CA ILE B 87 0.22 -1.17 -14.70
C ILE B 87 0.08 -1.55 -13.24
N PRO B 88 -0.15 -0.61 -12.33
CA PRO B 88 -0.44 -0.96 -10.93
C PRO B 88 -1.81 -1.57 -10.82
N CYS B 89 -2.16 -1.98 -9.61
CA CYS B 89 -3.35 -2.81 -9.43
C CYS B 89 -3.98 -2.41 -8.09
N ILE B 90 -5.17 -1.77 -8.18
CA ILE B 90 -5.85 -1.29 -6.98
C ILE B 90 -6.77 -2.38 -6.52
N VAL B 91 -6.63 -2.85 -5.30
CA VAL B 91 -7.48 -3.94 -4.80
C VAL B 91 -8.25 -3.37 -3.61
N SER B 92 -9.55 -3.12 -3.80
CA SER B 92 -10.33 -2.50 -2.73
C SER B 92 -11.37 -3.43 -2.14
N MET B 93 -11.25 -3.61 -0.83
CA MET B 93 -12.26 -4.18 0.05
CA MET B 93 -12.31 -4.16 -0.01
C MET B 93 -12.87 -3.08 0.92
N LEU B 94 -12.72 -1.84 0.51
CA LEU B 94 -13.29 -0.75 1.31
C LEU B 94 -14.81 -0.74 1.16
N THR B 95 -15.48 -0.17 2.16
CA THR B 95 -16.94 -0.09 2.16
C THR B 95 -17.46 1.33 2.07
N LYS B 96 -16.55 2.33 2.07
CA LYS B 96 -16.95 3.75 1.96
C LYS B 96 -15.91 4.46 1.13
N GLU B 97 -16.29 5.67 0.67
CA GLU B 97 -15.34 6.57 0.03
C GLU B 97 -14.37 7.08 1.06
N LEU B 98 -13.15 7.34 0.61
CA LEU B 98 -12.08 7.79 1.49
CA LEU B 98 -12.08 7.78 1.48
C LEU B 98 -11.50 9.11 0.99
N TYR B 99 -11.66 10.14 1.80
CA TYR B 99 -11.07 11.45 1.52
C TYR B 99 -10.10 11.76 2.64
N PHE B 100 -8.91 12.24 2.28
CA PHE B 100 -7.93 12.56 3.31
C PHE B 100 -8.28 13.80 4.07
N TYR B 101 -9.12 14.66 3.49
CA TYR B 101 -9.54 15.88 4.16
C TYR B 101 -10.95 15.72 4.72
N HIS B 102 -11.32 16.63 5.63
CA HIS B 102 -12.66 16.63 6.21
C HIS B 102 -13.17 18.06 6.27
N LEU B 103 -14.49 18.19 6.54
CA LEU B 103 -15.06 19.52 6.72
C LEU B 103 -14.75 20.06 8.11
N GLU B 104 -14.21 21.29 8.17
CA GLU B 104 -13.64 21.89 9.39
C GLU B 104 -14.61 21.97 10.54
N ASP C 3 17.35 0.97 -14.53
CA ASP C 3 16.11 0.22 -14.18
C ASP C 3 16.46 -1.20 -13.71
N PHE C 5 14.27 -4.46 -11.20
CA PHE C 5 12.94 -4.80 -10.71
C PHE C 5 13.06 -5.44 -9.31
#